data_4C78
#
_entry.id   4C78
#
_cell.length_a   34.700
_cell.length_b   52.600
_cell.length_c   159.700
_cell.angle_alpha   90.00
_cell.angle_beta   90.00
_cell.angle_gamma   90.00
#
_symmetry.space_group_name_H-M   'P 2 21 21'
#
loop_
_entity.id
_entity.type
_entity.pdbx_description
1 polymer 'NAD-DEPENDENT PROTEIN DEACETYLASE SIRTUIN-3, MITOCHONDRIAL'
2 polymer 'ACETYL-COENZYME A SYNTHETASE 2-LIKE, MITOCHONDRIAL'
3 non-polymer 5-[(E)-2-(4-bromophenyl)ethenyl]benzene-1,3-diol
4 non-polymer 'ZINC ION'
5 water water
#
loop_
_entity_poly.entity_id
_entity_poly.type
_entity_poly.pdbx_seq_one_letter_code
_entity_poly.pdbx_strand_id
1 'polypeptide(L)'
;GSSDKGKLSLQDVAELIRARACQRVVVMVGAGISTPSGIPDFRSPGSGLYSNLQQYDLPYPEAIFELPFFFHNPKPFFTL
AKELYPGNYKPNVTHYFLRLLHDKGLLLRLYTQNIDGLERVSGIPASKLVEAHGTFASATCTVCQRPFPGEDIRADVMAD
RVPRCPVCTGVVKPDIVFFGEPLPQRFLLHVVDFPMADLLLILGTSLEVEPFASLTEAVRSSVPRLLINRDLVGPLAWHP
RSRDVAQLGDVVHGVESLVELLGWTEEMRDLVQRETGKLDGPDK
;
A
2 'polypeptide(L)' TRSG(ALY)VMRRL C
#
# COMPACT_ATOMS: atom_id res chain seq x y z
N LYS A 7 -20.79 -11.78 -17.57
CA LYS A 7 -19.94 -11.76 -16.34
C LYS A 7 -18.70 -12.61 -16.55
N LEU A 8 -17.59 -12.16 -15.97
CA LEU A 8 -16.44 -13.02 -15.73
C LEU A 8 -16.57 -13.44 -14.30
N SER A 9 -16.12 -14.64 -13.99
CA SER A 9 -15.98 -15.07 -12.63
C SER A 9 -14.53 -14.87 -12.21
N LEU A 10 -14.29 -14.98 -10.91
CA LEU A 10 -12.95 -15.14 -10.39
C LEU A 10 -12.18 -16.16 -11.23
N GLN A 11 -12.85 -17.30 -11.51
CA GLN A 11 -12.23 -18.44 -12.17
C GLN A 11 -11.71 -18.01 -13.53
N ASP A 12 -12.55 -17.31 -14.30
CA ASP A 12 -12.14 -16.69 -15.57
C ASP A 12 -10.92 -15.80 -15.45
N VAL A 13 -10.92 -14.89 -14.48
CA VAL A 13 -9.72 -14.07 -14.30
C VAL A 13 -8.51 -14.97 -14.04
N ALA A 14 -8.68 -15.93 -13.15
CA ALA A 14 -7.61 -16.86 -12.81
C ALA A 14 -7.03 -17.54 -14.07
N GLU A 15 -7.89 -17.98 -14.96
CA GLU A 15 -7.41 -18.63 -16.20
C GLU A 15 -6.62 -17.66 -17.12
N LEU A 16 -7.04 -16.40 -17.20
CA LEU A 16 -6.27 -15.41 -17.95
C LEU A 16 -4.85 -15.34 -17.37
N ILE A 17 -4.76 -15.22 -16.06
CA ILE A 17 -3.42 -15.12 -15.42
C ILE A 17 -2.53 -16.34 -15.66
N ARG A 18 -3.07 -17.56 -15.56
CA ARG A 18 -2.22 -18.81 -15.67
C ARG A 18 -1.77 -19.03 -17.10
N ALA A 19 -2.66 -18.66 -18.01
CA ALA A 19 -2.35 -18.52 -19.39
C ALA A 19 -1.33 -17.36 -19.62
N ARG A 20 -0.75 -16.82 -18.53
CA ARG A 20 0.23 -15.74 -18.65
C ARG A 20 -0.27 -14.70 -19.66
N ALA A 21 -1.59 -14.65 -19.90
CA ALA A 21 -2.17 -13.67 -20.82
C ALA A 21 -2.28 -12.29 -20.13
N CYS A 22 -2.24 -12.24 -18.79
CA CYS A 22 -2.21 -10.99 -18.05
C CYS A 22 -0.78 -10.71 -17.59
N GLN A 23 -0.08 -9.91 -18.34
CA GLN A 23 1.35 -9.78 -18.08
C GLN A 23 1.69 -8.49 -17.56
N ARG A 24 0.64 -7.66 -17.33
CA ARG A 24 0.85 -6.28 -16.98
C ARG A 24 -0.22 -5.90 -15.97
N VAL A 25 -0.15 -6.56 -14.83
CA VAL A 25 -1.06 -6.36 -13.73
C VAL A 25 -0.69 -5.15 -12.97
N VAL A 26 -1.63 -4.21 -12.83
CA VAL A 26 -1.50 -3.06 -11.94
C VAL A 26 -2.38 -3.40 -10.72
N VAL A 27 -1.80 -3.16 -9.54
CA VAL A 27 -2.41 -3.58 -8.30
C VAL A 27 -2.56 -2.31 -7.47
N MET A 28 -3.69 -2.18 -6.78
CA MET A 28 -3.91 -1.07 -5.89
C MET A 28 -4.20 -1.69 -4.55
N VAL A 29 -3.63 -1.16 -3.48
CA VAL A 29 -3.83 -1.75 -2.20
C VAL A 29 -4.03 -0.74 -1.08
N GLY A 30 -4.72 -1.19 -0.02
CA GLY A 30 -4.86 -0.34 1.16
C GLY A 30 -4.87 -1.10 2.45
N ALA A 31 -5.57 -0.52 3.39
CA ALA A 31 -5.36 -0.91 4.80
C ALA A 31 -5.84 -2.33 5.03
N GLY A 32 -6.77 -2.79 4.21
CA GLY A 32 -7.25 -4.14 4.30
C GLY A 32 -6.20 -5.23 4.15
N ILE A 33 -5.06 -4.91 3.52
CA ILE A 33 -3.90 -5.79 3.58
C ILE A 33 -2.85 -5.55 4.72
N SER A 34 -2.98 -4.50 5.52
CA SER A 34 -2.06 -4.25 6.62
C SER A 34 -2.53 -5.00 7.87
N THR A 35 -3.83 -5.01 7.99
CA THR A 35 -4.53 -5.52 9.13
C THR A 35 -4.05 -6.90 9.53
N PRO A 36 -3.88 -7.78 8.54
CA PRO A 36 -3.49 -9.14 8.89
C PRO A 36 -2.07 -9.25 9.41
N SER A 37 -1.24 -8.24 9.17
CA SER A 37 0.09 -8.27 9.74
C SER A 37 0.09 -7.80 11.21
N GLY A 38 -1.06 -7.37 11.71
CA GLY A 38 -1.19 -6.81 13.06
C GLY A 38 -1.22 -5.30 13.13
N ILE A 39 -1.19 -4.61 12.00
CA ILE A 39 -1.07 -3.16 12.07
C ILE A 39 -2.34 -2.58 12.68
N PRO A 40 -2.22 -1.76 13.74
CA PRO A 40 -3.40 -1.10 14.34
C PRO A 40 -4.06 -0.11 13.37
N ASP A 41 -5.37 0.06 13.46
CA ASP A 41 -6.05 0.94 12.55
C ASP A 41 -5.75 2.34 13.08
N PHE A 42 -5.57 3.27 12.16
CA PHE A 42 -4.99 4.60 12.52
C PHE A 42 -5.99 5.55 13.24
N ARG A 43 -7.26 5.20 13.32
CA ARG A 43 -8.18 5.91 14.20
C ARG A 43 -7.90 5.62 15.69
N SER A 44 -7.40 4.42 16.02
CA SER A 44 -6.97 4.06 17.40
C SER A 44 -5.75 3.14 17.35
N ASP A 57 -2.49 13.67 23.83
CA ASP A 57 -3.84 13.39 23.31
C ASP A 57 -4.35 14.39 22.24
N LEU A 58 -4.86 13.81 21.15
CA LEU A 58 -5.28 14.50 19.91
C LEU A 58 -6.65 15.14 19.98
N PRO A 59 -6.84 16.26 19.28
CA PRO A 59 -8.18 16.85 19.22
C PRO A 59 -9.11 16.09 18.33
N TYR A 60 -8.62 15.42 17.30
CA TYR A 60 -9.45 14.48 16.48
C TYR A 60 -8.38 13.64 15.79
N PRO A 61 -8.70 12.43 15.39
CA PRO A 61 -7.59 11.50 15.06
C PRO A 61 -6.80 11.91 13.83
N GLU A 62 -7.44 12.64 12.93
CA GLU A 62 -6.73 13.04 11.69
C GLU A 62 -5.60 14.00 11.96
N ALA A 63 -5.60 14.65 13.13
CA ALA A 63 -4.50 15.58 13.42
C ALA A 63 -3.15 14.87 13.42
N ILE A 64 -3.17 13.52 13.54
CA ILE A 64 -1.95 12.78 13.52
C ILE A 64 -1.20 12.94 12.20
N PHE A 65 -1.90 13.18 11.10
CA PHE A 65 -1.24 13.45 9.87
C PHE A 65 -1.47 14.91 9.39
N GLU A 66 -1.55 15.86 10.32
CA GLU A 66 -1.73 17.26 10.01
C GLU A 66 -0.52 18.01 10.45
N LEU A 67 0.04 18.78 9.54
CA LEU A 67 1.32 19.44 9.77
C LEU A 67 1.23 20.53 10.84
N PRO A 68 0.22 21.43 10.75
CA PRO A 68 0.14 22.41 11.82
C PRO A 68 0.13 21.76 13.18
N PHE A 69 -0.64 20.68 13.37
CA PHE A 69 -0.65 20.06 14.68
C PHE A 69 0.69 19.38 15.01
N PHE A 70 1.31 18.79 13.98
CA PHE A 70 2.58 18.14 14.14
C PHE A 70 3.60 19.14 14.67
N PHE A 71 3.64 20.30 14.04
CA PHE A 71 4.53 21.39 14.44
C PHE A 71 4.27 21.81 15.87
N HIS A 72 3.00 21.84 16.27
CA HIS A 72 2.63 22.16 17.64
C HIS A 72 2.99 21.05 18.66
N ASN A 73 2.91 19.80 18.24
CA ASN A 73 3.19 18.65 19.11
C ASN A 73 3.39 17.33 18.32
N PRO A 74 4.64 16.98 18.08
CA PRO A 74 4.90 15.87 17.22
C PRO A 74 4.89 14.50 17.90
N LYS A 75 4.69 14.42 19.21
CA LYS A 75 4.86 13.13 19.89
C LYS A 75 3.89 12.03 19.51
N PRO A 76 2.61 12.36 19.36
CA PRO A 76 1.62 11.43 18.89
C PRO A 76 2.02 10.79 17.56
N PHE A 77 2.36 11.62 16.58
CA PHE A 77 2.85 11.05 15.35
C PHE A 77 4.02 10.09 15.63
N PHE A 78 4.99 10.56 16.40
CA PHE A 78 6.20 9.78 16.61
C PHE A 78 5.93 8.52 17.39
N THR A 79 4.92 8.55 18.24
CA THR A 79 4.39 7.32 18.81
C THR A 79 4.03 6.33 17.71
N LEU A 80 3.35 6.79 16.69
CA LEU A 80 2.93 5.86 15.65
C LEU A 80 4.11 5.44 14.79
N ALA A 81 5.03 6.36 14.55
CA ALA A 81 6.24 6.03 13.79
C ALA A 81 7.00 4.90 14.50
N LYS A 82 7.08 4.99 15.82
CA LYS A 82 7.72 3.90 16.63
C LYS A 82 7.09 2.52 16.36
N GLU A 83 5.77 2.48 16.38
CA GLU A 83 5.03 1.26 16.11
C GLU A 83 5.31 0.69 14.70
N LEU A 84 5.33 1.55 13.68
CA LEU A 84 5.39 1.12 12.29
C LEU A 84 6.78 1.10 11.72
N TYR A 85 7.77 1.51 12.52
CA TYR A 85 9.13 1.58 12.03
C TYR A 85 9.58 0.18 11.56
N PRO A 86 10.34 0.13 10.46
CA PRO A 86 10.83 -1.11 9.81
C PRO A 86 11.40 -2.17 10.73
N GLY A 87 10.86 -3.37 10.62
CA GLY A 87 11.38 -4.56 11.29
C GLY A 87 10.54 -4.95 12.49
N ASN A 88 9.48 -4.18 12.76
CA ASN A 88 8.46 -4.54 13.72
C ASN A 88 7.54 -5.52 13.07
N TYR A 89 6.74 -5.02 12.14
CA TYR A 89 5.74 -5.83 11.48
C TYR A 89 6.36 -6.57 10.30
N LYS A 90 5.77 -7.70 9.97
CA LYS A 90 6.17 -8.49 8.83
C LYS A 90 5.03 -8.60 7.78
N PRO A 91 5.41 -8.86 6.54
CA PRO A 91 4.38 -9.04 5.51
C PRO A 91 3.56 -10.28 5.76
N ASN A 92 2.33 -10.26 5.29
CA ASN A 92 1.43 -11.41 5.42
C ASN A 92 1.32 -12.07 4.06
N VAL A 93 0.46 -13.05 3.97
CA VAL A 93 0.44 -13.84 2.74
C VAL A 93 -0.17 -13.06 1.53
N THR A 94 -0.94 -12.01 1.81
CA THR A 94 -1.38 -11.17 0.74
C THR A 94 -0.20 -10.40 0.08
N HIS A 95 0.71 -9.92 0.91
CA HIS A 95 1.94 -9.27 0.40
C HIS A 95 2.68 -10.27 -0.47
N TYR A 96 2.78 -11.50 0.05
CA TYR A 96 3.58 -12.50 -0.61
C TYR A 96 2.94 -12.93 -1.93
N PHE A 97 1.64 -12.93 -2.01
CA PHE A 97 0.98 -13.19 -3.29
C PHE A 97 1.41 -12.17 -4.36
N LEU A 98 1.48 -10.91 -3.95
CA LEU A 98 1.94 -9.82 -4.82
C LEU A 98 3.40 -9.99 -5.22
N ARG A 99 4.25 -10.39 -4.27
CA ARG A 99 5.61 -10.82 -4.55
C ARG A 99 5.66 -11.95 -5.62
N LEU A 100 4.80 -12.95 -5.44
CA LEU A 100 4.75 -14.06 -6.39
C LEU A 100 4.39 -13.54 -7.85
N LEU A 101 3.36 -12.71 -7.95
CA LEU A 101 3.02 -12.00 -9.21
C LEU A 101 4.23 -11.32 -9.82
N HIS A 102 4.97 -10.63 -8.97
CA HIS A 102 6.20 -10.00 -9.42
C HIS A 102 7.26 -11.03 -9.88
N ASP A 103 7.47 -12.09 -9.10
CA ASP A 103 8.47 -13.05 -9.44
C ASP A 103 8.15 -13.73 -10.78
N LYS A 104 6.88 -13.78 -11.12
CA LYS A 104 6.47 -14.39 -12.35
C LYS A 104 6.54 -13.40 -13.58
N GLY A 105 6.94 -12.18 -13.31
CA GLY A 105 7.08 -11.19 -14.36
C GLY A 105 5.76 -10.59 -14.76
N LEU A 106 4.76 -10.63 -13.86
CA LEU A 106 3.43 -10.28 -14.24
C LEU A 106 3.03 -8.89 -13.69
N LEU A 107 3.87 -8.30 -12.86
CA LEU A 107 3.49 -7.07 -12.12
C LEU A 107 4.04 -5.90 -12.87
N LEU A 108 3.14 -5.05 -13.34
CA LEU A 108 3.56 -3.78 -13.92
C LEU A 108 3.87 -2.79 -12.79
N ARG A 109 2.94 -2.60 -11.84
CA ARG A 109 3.18 -1.68 -10.75
C ARG A 109 2.20 -1.97 -9.62
N LEU A 110 2.65 -1.69 -8.42
CA LEU A 110 1.85 -1.83 -7.24
C LEU A 110 1.76 -0.49 -6.54
N TYR A 111 0.54 0.00 -6.44
CA TYR A 111 0.25 1.28 -5.82
C TYR A 111 -0.27 1.02 -4.42
N THR A 112 0.36 1.60 -3.41
CA THR A 112 -0.06 1.38 -2.03
C THR A 112 -0.39 2.66 -1.37
N GLN A 113 -1.50 2.61 -0.68
CA GLN A 113 -1.86 3.69 0.23
C GLN A 113 -1.30 3.46 1.66
N ASN A 114 -0.69 2.29 1.90
CA ASN A 114 -0.25 1.99 3.25
C ASN A 114 1.13 2.60 3.51
N ILE A 115 1.43 2.81 4.80
CA ILE A 115 2.70 3.35 5.20
C ILE A 115 3.56 2.38 6.04
N ASP A 116 3.24 1.10 6.01
CA ASP A 116 3.97 0.12 6.77
C ASP A 116 5.19 -0.43 6.05
N GLY A 117 5.34 -0.11 4.77
CA GLY A 117 6.45 -0.55 3.99
C GLY A 117 6.60 -2.06 3.85
N LEU A 118 5.49 -2.79 3.97
CA LEU A 118 5.57 -4.22 3.95
C LEU A 118 5.69 -4.80 2.54
N GLU A 119 5.29 -4.00 1.52
CA GLU A 119 5.46 -4.37 0.17
C GLU A 119 6.97 -4.51 -0.08
N ARG A 120 7.78 -3.51 0.31
CA ARG A 120 9.19 -3.66 0.01
C ARG A 120 9.86 -4.77 0.87
N VAL A 121 9.35 -5.03 2.07
CA VAL A 121 9.92 -6.11 2.92
C VAL A 121 9.58 -7.48 2.29
N SER A 122 8.44 -7.58 1.58
CA SER A 122 8.05 -8.78 0.94
C SER A 122 8.93 -9.10 -0.27
N GLY A 123 9.81 -8.16 -0.64
CA GLY A 123 10.75 -8.36 -1.70
C GLY A 123 10.31 -7.71 -3.03
N ILE A 124 9.29 -6.93 -3.05
CA ILE A 124 8.95 -6.26 -4.33
C ILE A 124 9.90 -5.07 -4.51
N PRO A 125 10.59 -5.02 -5.65
CA PRO A 125 11.59 -3.94 -5.78
C PRO A 125 10.98 -2.56 -5.89
N ALA A 126 11.73 -1.59 -5.39
CA ALA A 126 11.24 -0.24 -5.32
C ALA A 126 10.72 0.24 -6.69
N SER A 127 11.38 -0.19 -7.80
CA SER A 127 10.97 0.29 -9.15
C SER A 127 9.55 -0.19 -9.57
N LYS A 128 9.03 -1.22 -8.88
CA LYS A 128 7.70 -1.75 -9.11
C LYS A 128 6.69 -1.16 -8.17
N LEU A 129 7.13 -0.36 -7.21
CA LEU A 129 6.25 0.18 -6.20
C LEU A 129 6.00 1.68 -6.28
N VAL A 130 4.78 2.10 -6.05
CA VAL A 130 4.45 3.49 -5.72
C VAL A 130 3.82 3.62 -4.32
N GLU A 131 4.64 4.09 -3.37
CA GLU A 131 4.21 4.35 -2.02
C GLU A 131 3.57 5.74 -1.99
N ALA A 132 2.28 5.77 -2.28
CA ALA A 132 1.56 6.99 -2.52
C ALA A 132 1.45 7.87 -1.30
N HIS A 133 1.65 7.30 -0.09
CA HIS A 133 1.56 8.09 1.16
C HIS A 133 2.90 8.15 1.86
N GLY A 134 3.95 7.81 1.12
CA GLY A 134 5.30 7.91 1.62
C GLY A 134 5.78 6.72 2.42
N THR A 135 6.86 6.94 3.16
CA THR A 135 7.62 5.86 3.74
C THR A 135 8.38 6.34 4.98
N PHE A 136 8.64 5.39 5.89
CA PHE A 136 9.56 5.51 6.98
C PHE A 136 11.03 5.23 6.61
N ALA A 137 11.27 4.77 5.38
CA ALA A 137 12.61 4.52 4.88
C ALA A 137 13.48 5.76 4.87
N SER A 138 12.88 6.94 4.79
CA SER A 138 13.63 8.13 4.84
C SER A 138 12.87 9.26 5.59
N ALA A 139 13.56 10.36 5.86
CA ALA A 139 13.02 11.49 6.61
C ALA A 139 13.59 12.78 6.09
N THR A 140 12.95 13.87 6.50
CA THR A 140 13.29 15.19 6.00
C THR A 140 13.18 16.23 7.13
N CYS A 141 14.21 17.06 7.25
CA CYS A 141 14.14 18.16 8.22
C CYS A 141 13.03 19.10 7.82
N THR A 142 12.10 19.33 8.73
CA THR A 142 10.97 20.20 8.49
C THR A 142 11.35 21.63 8.27
N VAL A 143 12.58 21.99 8.60
CA VAL A 143 12.98 23.37 8.50
C VAL A 143 13.94 23.58 7.33
N CYS A 144 15.04 22.84 7.26
CA CYS A 144 16.09 23.11 6.25
C CYS A 144 16.02 22.13 5.10
N GLN A 145 15.19 21.13 5.26
CA GLN A 145 14.82 20.17 4.22
C GLN A 145 15.92 19.16 3.95
N ARG A 146 17.01 19.21 4.71
CA ARG A 146 18.00 18.12 4.62
C ARG A 146 17.29 16.76 4.73
N PRO A 147 17.56 15.82 3.81
CA PRO A 147 17.06 14.45 3.85
C PRO A 147 17.90 13.54 4.74
N PHE A 148 17.29 12.52 5.31
CA PHE A 148 18.00 11.60 6.16
C PHE A 148 17.52 10.21 5.83
N PRO A 149 18.45 9.25 5.78
CA PRO A 149 18.01 7.86 5.72
C PRO A 149 17.32 7.60 7.04
N GLY A 150 16.28 6.78 7.03
CA GLY A 150 15.45 6.59 8.20
C GLY A 150 16.24 5.99 9.35
N GLU A 151 17.25 5.16 9.03
CA GLU A 151 18.11 4.57 10.06
C GLU A 151 18.70 5.69 10.90
N ASP A 152 19.01 6.83 10.30
CA ASP A 152 19.69 7.89 11.08
C ASP A 152 18.79 8.53 12.14
N ILE A 153 17.49 8.30 12.15
CA ILE A 153 16.71 8.78 13.29
C ILE A 153 16.12 7.68 14.15
N ARG A 154 16.46 6.44 13.83
CA ARG A 154 15.82 5.30 14.48
C ARG A 154 15.98 5.24 16.01
N ALA A 155 17.18 5.53 16.56
CA ALA A 155 17.39 5.35 18.01
C ALA A 155 16.52 6.34 18.78
N ASP A 156 16.49 7.58 18.29
CA ASP A 156 15.63 8.63 18.85
C ASP A 156 14.16 8.20 18.86
N VAL A 157 13.67 7.75 17.70
CA VAL A 157 12.28 7.28 17.56
C VAL A 157 12.02 6.11 18.51
N MET A 158 12.85 5.09 18.43
CA MET A 158 12.77 3.94 19.34
C MET A 158 12.86 4.35 20.80
N ALA A 159 13.65 5.38 21.10
CA ALA A 159 13.73 5.88 22.46
C ALA A 159 12.68 6.94 22.85
N ASP A 160 11.69 7.24 22.03
CA ASP A 160 10.70 8.28 22.37
C ASP A 160 11.25 9.71 22.50
N ARG A 161 12.35 10.01 21.80
CA ARG A 161 12.80 11.39 21.70
C ARG A 161 12.51 11.89 20.30
N VAL A 162 11.88 13.07 20.19
CA VAL A 162 11.64 13.73 18.89
C VAL A 162 13.01 13.95 18.23
N PRO A 163 13.24 13.38 17.03
CA PRO A 163 14.51 13.59 16.35
C PRO A 163 14.68 15.04 15.85
N ARG A 164 15.89 15.58 16.02
CA ARG A 164 16.25 16.95 15.65
C ARG A 164 17.36 17.00 14.64
N CYS A 165 17.33 17.99 13.77
CA CYS A 165 18.31 18.11 12.72
C CYS A 165 19.69 18.55 13.32
N PRO A 166 20.76 17.85 12.92
CA PRO A 166 22.05 18.31 13.29
C PRO A 166 22.40 19.65 12.61
N VAL A 167 21.72 20.02 11.53
CA VAL A 167 22.03 21.29 10.89
C VAL A 167 21.39 22.43 11.67
N CYS A 168 20.08 22.37 11.86
CA CYS A 168 19.30 23.53 12.30
C CYS A 168 18.51 23.32 13.56
N THR A 169 18.56 22.11 14.09
CA THR A 169 17.80 21.67 15.27
C THR A 169 16.28 21.53 15.06
N GLY A 170 15.82 21.63 13.83
CA GLY A 170 14.42 21.40 13.52
C GLY A 170 14.03 19.96 13.65
N VAL A 171 12.74 19.73 13.80
CA VAL A 171 12.21 18.42 13.94
C VAL A 171 12.42 17.71 12.61
N VAL A 172 12.86 16.46 12.71
CA VAL A 172 13.10 15.67 11.54
C VAL A 172 11.90 14.74 11.32
N LYS A 173 11.22 14.90 10.19
CA LYS A 173 9.96 14.21 9.98
C LYS A 173 10.12 13.08 8.92
N PRO A 174 9.72 11.88 9.29
CA PRO A 174 9.67 10.77 8.37
C PRO A 174 8.85 11.16 7.15
N ASP A 175 9.23 10.64 5.97
CA ASP A 175 8.69 11.10 4.70
C ASP A 175 7.31 10.49 4.43
N ILE A 176 6.44 10.56 5.44
CA ILE A 176 5.03 10.22 5.33
C ILE A 176 4.32 11.46 4.79
N VAL A 177 3.40 11.25 3.83
CA VAL A 177 2.74 12.34 3.19
C VAL A 177 1.62 12.74 4.18
N PHE A 178 1.63 13.96 4.61
CA PHE A 178 0.57 14.46 5.49
C PHE A 178 -0.53 15.08 4.69
N PHE A 179 -1.70 15.24 5.31
CA PHE A 179 -2.84 15.87 4.63
C PHE A 179 -2.45 17.21 4.04
N GLY A 180 -2.89 17.46 2.80
CA GLY A 180 -2.56 18.72 2.13
C GLY A 180 -1.18 18.73 1.44
N GLU A 181 -0.27 17.81 1.73
CA GLU A 181 1.08 17.80 1.12
C GLU A 181 0.99 17.09 -0.21
N PRO A 182 1.87 17.44 -1.14
CA PRO A 182 1.84 16.82 -2.43
C PRO A 182 2.08 15.34 -2.33
N LEU A 183 1.34 14.55 -3.10
CA LEU A 183 1.72 13.17 -3.32
C LEU A 183 3.11 13.04 -3.92
N PRO A 184 3.75 11.89 -3.73
CA PRO A 184 5.11 11.80 -4.26
C PRO A 184 5.13 11.88 -5.77
N GLN A 185 6.27 12.35 -6.25
CA GLN A 185 6.62 12.31 -7.68
C GLN A 185 6.25 11.04 -8.41
N ARG A 186 6.70 9.91 -7.91
CA ARG A 186 6.39 8.61 -8.52
C ARG A 186 4.92 8.35 -8.74
N PHE A 187 4.07 9.01 -8.01
CA PHE A 187 2.65 8.77 -8.17
C PHE A 187 2.21 9.07 -9.60
N LEU A 188 2.91 9.98 -10.26
CA LEU A 188 2.49 10.32 -11.60
C LEU A 188 2.77 9.22 -12.63
N LEU A 189 3.42 8.11 -12.26
CA LEU A 189 3.49 6.89 -13.13
C LEU A 189 2.10 6.35 -13.43
N HIS A 190 1.07 6.79 -12.67
CA HIS A 190 -0.30 6.30 -12.85
C HIS A 190 -0.81 6.69 -14.23
N VAL A 191 -0.31 7.81 -14.66
CA VAL A 191 -0.81 8.44 -15.86
C VAL A 191 -0.73 7.43 -17.02
N VAL A 192 0.38 6.73 -17.14
CA VAL A 192 0.46 5.71 -18.16
C VAL A 192 0.35 4.27 -17.62
N ASP A 193 0.68 3.99 -16.35
CA ASP A 193 0.45 2.62 -15.83
C ASP A 193 -0.95 2.14 -16.02
N PHE A 194 -1.95 2.99 -15.80
CA PHE A 194 -3.29 2.46 -15.83
C PHE A 194 -3.83 2.04 -17.23
N PRO A 195 -3.63 2.89 -18.27
CA PRO A 195 -3.94 2.48 -19.65
C PRO A 195 -3.05 1.33 -20.14
N MET A 196 -1.86 1.18 -19.57
CA MET A 196 -0.94 0.10 -19.92
C MET A 196 -1.29 -1.27 -19.33
N ALA A 197 -2.16 -1.27 -18.32
CA ALA A 197 -2.49 -2.52 -17.64
C ALA A 197 -3.31 -3.38 -18.51
N ASP A 198 -3.12 -4.68 -18.34
CA ASP A 198 -4.07 -5.66 -18.91
C ASP A 198 -4.90 -6.37 -17.80
N LEU A 199 -4.70 -5.92 -16.58
CA LEU A 199 -5.46 -6.35 -15.43
C LEU A 199 -5.27 -5.37 -14.32
N LEU A 200 -6.37 -5.00 -13.69
CA LEU A 200 -6.33 -4.24 -12.50
C LEU A 200 -6.79 -5.11 -11.30
N LEU A 201 -5.94 -5.18 -10.29
CA LEU A 201 -6.29 -5.87 -9.08
C LEU A 201 -6.37 -4.88 -7.94
N ILE A 202 -7.50 -4.89 -7.24
CA ILE A 202 -7.76 -4.01 -6.10
C ILE A 202 -7.89 -4.85 -4.83
N LEU A 203 -6.95 -4.71 -3.94
CA LEU A 203 -6.97 -5.50 -2.68
C LEU A 203 -7.03 -4.65 -1.47
N GLY A 204 -8.02 -4.87 -0.65
CA GLY A 204 -8.07 -4.33 0.71
C GLY A 204 -8.29 -2.82 0.80
N THR A 205 -9.06 -2.28 -0.13
CA THR A 205 -9.33 -0.84 -0.19
C THR A 205 -10.50 -0.61 -1.07
N SER A 206 -11.22 0.49 -0.82
CA SER A 206 -12.38 0.93 -1.62
C SER A 206 -11.98 1.82 -2.79
N LEU A 207 -10.98 2.65 -2.54
CA LEU A 207 -10.55 3.66 -3.52
C LEU A 207 -11.54 4.81 -3.67
N GLU A 208 -12.31 5.05 -2.61
CA GLU A 208 -13.26 6.17 -2.51
C GLU A 208 -12.59 7.59 -2.53
N VAL A 209 -11.36 7.65 -2.02
CA VAL A 209 -10.61 8.89 -1.94
C VAL A 209 -9.97 9.22 -3.28
N GLU A 210 -10.19 10.43 -3.79
CA GLU A 210 -9.42 10.89 -4.93
C GLU A 210 -7.96 11.13 -4.53
N PRO A 211 -7.00 10.96 -5.48
CA PRO A 211 -7.16 10.59 -6.89
C PRO A 211 -7.18 9.08 -7.15
N PHE A 212 -7.17 8.25 -6.12
CA PHE A 212 -7.28 6.77 -6.34
C PHE A 212 -8.55 6.33 -7.07
N ALA A 213 -9.68 6.94 -6.70
CA ALA A 213 -10.95 6.64 -7.30
C ALA A 213 -10.84 6.79 -8.82
N SER A 214 -10.54 7.99 -9.26
CA SER A 214 -10.37 8.25 -10.67
C SER A 214 -9.38 7.28 -11.34
N LEU A 215 -8.40 6.72 -10.58
CA LEU A 215 -7.41 5.81 -11.20
C LEU A 215 -8.02 4.52 -11.72
N THR A 216 -8.97 3.93 -11.00
CA THR A 216 -9.73 2.81 -11.50
C THR A 216 -10.39 3.12 -12.86
N GLU A 217 -10.79 4.35 -13.13
CA GLU A 217 -11.45 4.66 -14.44
C GLU A 217 -10.48 4.72 -15.61
N ALA A 218 -9.18 4.79 -15.31
CA ALA A 218 -8.15 5.05 -16.30
C ALA A 218 -7.74 3.73 -17.00
N VAL A 219 -8.13 2.55 -16.48
CA VAL A 219 -7.88 1.32 -17.26
C VAL A 219 -8.78 1.26 -18.46
N ARG A 220 -8.32 0.56 -19.49
CA ARG A 220 -9.01 0.52 -20.76
C ARG A 220 -10.24 -0.33 -20.56
N SER A 221 -11.19 -0.13 -21.48
CA SER A 221 -12.55 -0.66 -21.40
C SER A 221 -12.67 -2.18 -21.23
N SER A 222 -11.80 -2.87 -21.93
CA SER A 222 -11.74 -4.31 -22.03
C SER A 222 -11.00 -5.00 -20.88
N VAL A 223 -10.36 -4.22 -20.03
CA VAL A 223 -9.52 -4.74 -19.01
C VAL A 223 -10.34 -5.12 -17.81
N PRO A 224 -10.12 -6.34 -17.36
CA PRO A 224 -10.82 -6.74 -16.15
C PRO A 224 -10.37 -5.95 -14.92
N ARG A 225 -11.28 -5.67 -14.00
CA ARG A 225 -10.96 -5.06 -12.69
C ARG A 225 -11.46 -6.03 -11.64
N LEU A 226 -10.55 -6.58 -10.85
CA LEU A 226 -10.84 -7.63 -9.87
C LEU A 226 -10.66 -7.01 -8.52
N LEU A 227 -11.74 -6.97 -7.77
CA LEU A 227 -11.75 -6.38 -6.46
C LEU A 227 -11.82 -7.43 -5.39
N ILE A 228 -10.86 -7.48 -4.49
CA ILE A 228 -10.93 -8.40 -3.37
C ILE A 228 -10.91 -7.56 -2.10
N ASN A 229 -12.04 -7.51 -1.43
CA ASN A 229 -12.24 -6.60 -0.33
C ASN A 229 -13.46 -6.98 0.47
N ARG A 230 -13.54 -6.58 1.73
CA ARG A 230 -14.73 -6.83 2.58
C ARG A 230 -15.93 -6.49 1.80
N ASP A 231 -16.06 -5.22 1.42
CA ASP A 231 -17.21 -4.82 0.67
C ASP A 231 -16.91 -4.14 -0.66
N LEU A 232 -18.00 -4.05 -1.43
CA LEU A 232 -18.03 -3.35 -2.69
C LEU A 232 -18.31 -1.93 -2.41
N VAL A 233 -17.45 -1.07 -2.91
CA VAL A 233 -17.54 0.33 -2.53
C VAL A 233 -17.00 1.12 -3.69
N GLY A 234 -17.06 2.46 -3.57
CA GLY A 234 -16.35 3.38 -4.48
C GLY A 234 -16.63 3.21 -5.97
N PRO A 235 -15.69 3.60 -6.81
CA PRO A 235 -15.90 3.71 -8.25
C PRO A 235 -16.31 2.43 -8.96
N LEU A 236 -15.94 1.25 -8.48
CA LEU A 236 -16.39 0.03 -9.12
C LEU A 236 -17.87 -0.21 -8.91
N ALA A 237 -18.46 0.39 -7.89
CA ALA A 237 -19.89 0.24 -7.63
C ALA A 237 -20.70 1.31 -8.35
N TRP A 238 -20.21 2.54 -8.29
CA TRP A 238 -20.85 3.67 -8.96
C TRP A 238 -20.72 3.56 -10.50
N HIS A 239 -19.55 3.22 -11.04
CA HIS A 239 -19.37 3.14 -12.51
C HIS A 239 -18.88 1.78 -12.92
N PRO A 240 -19.74 0.77 -12.74
CA PRO A 240 -19.41 -0.64 -13.01
C PRO A 240 -19.18 -0.89 -14.48
N ARG A 241 -18.39 -1.91 -14.79
CA ARG A 241 -18.10 -2.29 -16.16
C ARG A 241 -18.31 -3.74 -16.25
N SER A 242 -18.41 -4.25 -17.45
CA SER A 242 -18.82 -5.62 -17.59
C SER A 242 -17.73 -6.62 -17.37
N ARG A 243 -16.47 -6.21 -17.26
CA ARG A 243 -15.44 -7.22 -16.95
C ARG A 243 -14.96 -7.07 -15.50
N ASP A 244 -15.68 -6.29 -14.69
CA ASP A 244 -15.44 -6.22 -13.25
C ASP A 244 -15.79 -7.51 -12.58
N VAL A 245 -14.97 -7.92 -11.62
CA VAL A 245 -15.26 -9.07 -10.75
C VAL A 245 -15.00 -8.60 -9.32
N ALA A 246 -15.95 -8.86 -8.44
CA ALA A 246 -15.81 -8.47 -7.03
C ALA A 246 -15.89 -9.71 -6.21
N GLN A 247 -14.88 -9.93 -5.40
CA GLN A 247 -14.86 -11.07 -4.51
C GLN A 247 -14.84 -10.56 -3.04
N LEU A 248 -15.98 -10.61 -2.42
CA LEU A 248 -16.21 -9.86 -1.19
C LEU A 248 -16.10 -10.77 0.01
N GLY A 249 -15.35 -10.35 1.02
CA GLY A 249 -15.09 -11.18 2.17
C GLY A 249 -13.76 -10.80 2.75
N ASP A 250 -13.29 -11.54 3.75
CA ASP A 250 -11.97 -11.32 4.30
C ASP A 250 -10.99 -11.27 3.10
N VAL A 251 -10.12 -10.28 3.08
CA VAL A 251 -9.24 -10.12 1.94
C VAL A 251 -8.32 -11.31 1.80
N VAL A 252 -7.74 -11.76 2.90
CA VAL A 252 -6.80 -12.87 2.94
C VAL A 252 -7.42 -14.12 2.37
N HIS A 253 -8.64 -14.39 2.78
CA HIS A 253 -9.28 -15.57 2.28
C HIS A 253 -9.68 -15.44 0.77
N GLY A 254 -10.05 -14.23 0.34
CA GLY A 254 -10.29 -14.03 -1.08
C GLY A 254 -9.02 -14.32 -1.93
N VAL A 255 -7.89 -13.89 -1.41
CA VAL A 255 -6.64 -14.11 -2.04
C VAL A 255 -6.31 -15.60 -2.03
N GLU A 256 -6.58 -16.29 -0.89
CA GLU A 256 -6.32 -17.71 -0.81
CA GLU A 256 -6.41 -17.75 -0.78
C GLU A 256 -7.14 -18.45 -1.90
N SER A 257 -8.35 -17.97 -2.20
CA SER A 257 -9.21 -18.60 -3.19
C SER A 257 -8.71 -18.41 -4.63
N LEU A 258 -8.25 -17.19 -4.94
CA LEU A 258 -7.68 -16.88 -6.23
C LEU A 258 -6.45 -17.75 -6.39
N VAL A 259 -5.65 -17.85 -5.32
CA VAL A 259 -4.39 -18.59 -5.41
C VAL A 259 -4.65 -20.05 -5.76
N GLU A 260 -5.74 -20.62 -5.22
CA GLU A 260 -6.12 -21.99 -5.50
C GLU A 260 -6.61 -22.07 -6.91
N LEU A 261 -7.43 -21.09 -7.34
CA LEU A 261 -7.92 -21.17 -8.70
C LEU A 261 -6.77 -21.03 -9.66
N LEU A 262 -5.71 -20.31 -9.29
CA LEU A 262 -4.47 -20.22 -10.10
C LEU A 262 -3.58 -21.49 -10.12
N GLY A 263 -3.70 -22.35 -9.11
CA GLY A 263 -2.96 -23.59 -9.00
C GLY A 263 -1.66 -23.18 -8.33
N TRP A 264 -1.69 -22.11 -7.55
CA TRP A 264 -0.45 -21.58 -7.00
C TRP A 264 -0.36 -21.85 -5.49
N THR A 265 -1.24 -22.66 -4.96
CA THR A 265 -1.29 -22.84 -3.51
C THR A 265 0.01 -23.36 -2.95
N GLU A 266 0.61 -24.34 -3.59
CA GLU A 266 1.84 -24.90 -3.07
C GLU A 266 3.04 -23.97 -3.33
N GLU A 267 3.02 -23.25 -4.45
CA GLU A 267 4.00 -22.25 -4.74
C GLU A 267 3.98 -21.14 -3.65
N MET A 268 2.80 -20.72 -3.24
CA MET A 268 2.65 -19.74 -2.18
C MET A 268 3.23 -20.26 -0.87
N ARG A 269 2.86 -21.46 -0.48
CA ARG A 269 3.43 -22.02 0.75
C ARG A 269 4.95 -21.97 0.78
N ASP A 270 5.56 -22.39 -0.33
CA ASP A 270 6.99 -22.57 -0.42
C ASP A 270 7.64 -21.20 -0.44
N LEU A 271 7.06 -20.26 -1.13
CA LEU A 271 7.55 -18.85 -1.09
C LEU A 271 7.50 -18.24 0.35
N VAL A 272 6.36 -18.40 1.01
CA VAL A 272 6.19 -17.87 2.36
C VAL A 272 7.22 -18.53 3.31
N GLN A 273 7.44 -19.83 3.15
CA GLN A 273 8.39 -20.58 4.03
C GLN A 273 9.77 -20.08 3.79
N ARG A 274 10.14 -19.93 2.51
CA ARG A 274 11.46 -19.45 2.22
C ARG A 274 11.59 -18.02 2.81
N GLU A 275 10.56 -17.21 2.72
CA GLU A 275 10.73 -15.81 3.16
C GLU A 275 10.69 -15.64 4.66
N THR A 276 9.87 -16.45 5.33
CA THR A 276 9.70 -16.55 6.80
C THR A 276 10.98 -17.09 7.45
N GLY A 277 11.54 -18.19 6.93
CA GLY A 277 12.96 -18.55 7.17
C GLY A 277 13.88 -17.34 7.22
N LYS A 278 13.79 -16.40 6.26
CA LYS A 278 14.59 -15.15 6.29
C LYS A 278 14.15 -14.04 7.28
N LEU A 279 12.92 -14.06 7.79
CA LEU A 279 12.42 -12.94 8.62
C LEU A 279 12.53 -13.18 10.13
N GLY B 4 -2.38 18.16 -3.48
CA GLY B 4 -2.45 17.73 -2.07
C GLY B 4 -3.19 16.42 -1.80
N VAL B 6 -5.66 14.29 0.01
CA VAL B 6 -6.98 14.78 0.37
C VAL B 6 -7.29 14.50 1.82
N MET B 7 -7.74 15.53 2.54
CA MET B 7 -8.31 15.35 3.84
C MET B 7 -9.41 14.27 3.80
N ARG B 8 -9.42 13.36 4.76
CA ARG B 8 -10.47 12.35 4.89
C ARG B 8 -10.52 11.97 6.34
N ARG B 9 -11.48 11.16 6.72
CA ARG B 9 -11.52 10.60 8.06
C ARG B 9 -10.66 9.34 8.17
N LEU B 10 -9.89 9.24 9.26
CA LEU B 10 -8.86 8.21 9.61
C LEU B 10 -7.42 8.64 9.24
#